data_6W1F
#
_entry.id   6W1F
#
_cell.length_a   90.790
_cell.length_b   90.790
_cell.length_c   245.100
_cell.angle_alpha   90.000
_cell.angle_beta   90.000
_cell.angle_gamma   120.000
#
_symmetry.space_group_name_H-M   'P 65'
#
loop_
_entity.id
_entity.type
_entity.pdbx_description
1 polymer 'Positive transcriptional regulator MutR family'
2 polymer 'DNA (30-MER)'
3 polymer 'DNA (30-MER)'
4 water water
#
loop_
_entity_poly.entity_id
_entity_poly.type
_entity_poly.pdbx_seq_one_letter_code
_entity_poly.pdbx_strand_id
1 'polypeptide(L)'
;MKSKLGSTLRKVRNGKQISICSVADEHLSKSQISRFERGESEISCIRLINILDKLHITLDEFLILHDEDYTKTESFANLV
QYIRKQYSLQNINNIQSLLSDSSNYTLDPFEKTMVKSILHTMDSSIIPSDDELLQLADYLFKVEKWGYYEIILLGNCVRT
IDYNSVFLLTKEMLNNYIYSSLNKTNKRIVTQLAINCLILSIDMEEFTNCFYLIDEIKALLDNELNFYEQTVFLYATGYF
EFKRWQSTSGIEKMKQAIQVLDILGEDNLKLHYTIHFDKLINNK
;
A,B
2 'polydeoxyribonucleotide'
;(DC)(DA)(DT)(DA)(DA)(DT)(DT)(DT)(DT)(DC)(DC)(DC)(DA)(DT)(DT)(DT)(DC)(DC)(DC)(DC)
(DA)(DA)(DC)(DA)(DA)(DA)(DA)(DA)(DA)(DG)
;
E
3 'polydeoxyribonucleotide'
;(DT)(DT)(DT)(DT)(DT)(DG)(DT)(DT)(DG)(DG)(DG)(DG)(DA)(DA)(DA)(DT)(DG)(DG)(DG)(DA)
(DA)(DA)(DA)(DT)(DT)(DA)(DT)(DG)(DC)(DT)
;
F
#
# COMPACT_ATOMS: atom_id res chain seq x y z
N LYS A 4 -22.21 11.96 11.65
CA LYS A 4 -21.09 12.87 11.69
C LYS A 4 -20.31 12.82 10.37
N LEU A 5 -20.52 11.75 9.61
CA LEU A 5 -19.80 11.56 8.36
C LEU A 5 -20.30 12.52 7.28
N GLY A 6 -21.63 12.63 7.14
CA GLY A 6 -22.27 13.46 6.12
C GLY A 6 -21.68 14.81 5.79
N SER A 7 -21.19 15.52 6.81
CA SER A 7 -20.58 16.84 6.58
C SER A 7 -19.45 16.76 5.56
N THR A 8 -18.53 15.83 5.74
CA THR A 8 -17.44 15.70 4.79
C THR A 8 -17.91 15.14 3.45
N LEU A 9 -19.01 14.37 3.44
CA LEU A 9 -19.64 14.02 2.17
C LEU A 9 -20.05 15.27 1.41
N ARG A 10 -20.68 16.22 2.10
CA ARG A 10 -20.98 17.53 1.50
C ARG A 10 -19.72 18.20 0.99
N LYS A 11 -18.68 18.26 1.81
CA LYS A 11 -17.42 18.85 1.40
C LYS A 11 -16.90 18.24 0.10
N VAL A 12 -16.82 16.91 0.07
CA VAL A 12 -16.35 16.18 -1.11
C VAL A 12 -17.22 16.49 -2.32
N ARG A 13 -18.55 16.42 -2.13
CA ARG A 13 -19.48 16.63 -3.23
C ARG A 13 -19.33 18.03 -3.83
N ASN A 14 -19.26 19.06 -2.98
CA ASN A 14 -19.14 20.42 -3.49
C ASN A 14 -17.76 20.68 -4.09
N GLY A 15 -16.73 19.98 -3.59
CA GLY A 15 -15.41 20.13 -4.19
C GLY A 15 -15.38 19.59 -5.60
N LYS A 16 -16.07 18.48 -5.84
CA LYS A 16 -16.22 17.89 -7.17
C LYS A 16 -17.27 18.63 -8.01
N GLN A 17 -17.86 19.70 -7.46
CA GLN A 17 -18.92 20.47 -8.12
C GLN A 17 -19.98 19.54 -8.71
N ILE A 18 -20.53 18.69 -7.85
CA ILE A 18 -21.64 17.81 -8.19
C ILE A 18 -22.80 18.16 -7.28
N SER A 19 -24.01 18.09 -7.81
CA SER A 19 -25.18 18.48 -7.05
C SER A 19 -25.79 17.29 -6.32
N ILE A 20 -26.63 17.59 -5.33
CA ILE A 20 -27.39 16.55 -4.65
C ILE A 20 -28.27 15.81 -5.65
N CYS A 21 -28.93 16.56 -6.54
CA CYS A 21 -29.75 15.95 -7.59
C CYS A 21 -28.98 14.89 -8.37
N SER A 22 -27.68 15.09 -8.60
CA SER A 22 -26.89 14.13 -9.38
C SER A 22 -26.64 12.84 -8.60
N VAL A 23 -26.13 12.95 -7.37
CA VAL A 23 -25.82 11.75 -6.59
C VAL A 23 -27.06 11.02 -6.11
N ALA A 24 -28.23 11.64 -6.18
CA ALA A 24 -29.47 10.96 -5.87
C ALA A 24 -29.83 9.95 -6.95
N ASP A 25 -30.43 8.85 -6.53
CA ASP A 25 -30.80 7.78 -7.46
C ASP A 25 -31.98 7.02 -6.86
N GLU A 26 -32.37 5.91 -7.51
CA GLU A 26 -33.45 5.07 -7.00
C GLU A 26 -33.19 4.58 -5.59
N HIS A 27 -31.93 4.60 -5.13
CA HIS A 27 -31.58 4.07 -3.82
C HIS A 27 -31.65 5.10 -2.71
N LEU A 28 -31.66 6.40 -3.02
CA LEU A 28 -31.73 7.40 -1.97
C LEU A 28 -32.37 8.67 -2.49
N SER A 29 -33.33 9.20 -1.72
CA SER A 29 -34.02 10.43 -2.05
C SER A 29 -33.16 11.65 -1.72
N LYS A 30 -33.32 12.70 -2.53
CA LYS A 30 -32.59 13.94 -2.35
C LYS A 30 -32.69 14.47 -0.92
N SER A 31 -33.91 14.48 -0.37
CA SER A 31 -34.12 14.99 0.99
C SER A 31 -33.23 14.28 2.01
N GLN A 32 -33.04 12.96 1.84
CA GLN A 32 -32.21 12.22 2.79
C GLN A 32 -30.74 12.59 2.65
N ILE A 33 -30.29 12.91 1.43
CA ILE A 33 -28.93 13.40 1.26
C ILE A 33 -28.76 14.76 1.91
N SER A 34 -29.71 15.66 1.66
CA SER A 34 -29.70 16.97 2.32
C SER A 34 -29.59 16.83 3.83
N ARG A 35 -30.43 15.98 4.41
CA ARG A 35 -30.41 15.77 5.86
C ARG A 35 -29.08 15.18 6.32
N PHE A 36 -28.63 14.11 5.64
CA PHE A 36 -27.39 13.43 6.01
C PHE A 36 -26.19 14.37 5.94
N GLU A 37 -26.08 15.15 4.86
CA GLU A 37 -24.96 16.07 4.72
C GLU A 37 -24.99 17.17 5.78
N ARG A 38 -26.18 17.53 6.27
CA ARG A 38 -26.34 18.57 7.27
C ARG A 38 -26.25 18.02 8.70
N GLY A 39 -25.75 16.79 8.88
CA GLY A 39 -25.68 16.17 10.19
C GLY A 39 -27.02 16.03 10.87
N GLU A 40 -28.10 15.93 10.09
CA GLU A 40 -29.45 15.86 10.63
C GLU A 40 -29.99 14.45 10.70
N SER A 41 -29.58 13.59 9.77
CA SER A 41 -29.96 12.18 9.76
C SER A 41 -28.77 11.37 9.26
N GLU A 42 -28.81 10.05 9.46
CA GLU A 42 -27.72 9.16 9.09
C GLU A 42 -28.21 8.10 8.11
N ILE A 43 -27.40 7.85 7.07
CA ILE A 43 -27.70 6.86 6.04
C ILE A 43 -26.86 5.61 6.27
N SER A 44 -27.40 4.47 5.83
CA SER A 44 -26.68 3.20 5.91
C SER A 44 -25.42 3.21 5.05
N CYS A 45 -24.49 2.32 5.42
CA CYS A 45 -23.19 2.25 4.75
C CYS A 45 -23.32 1.87 3.28
N ILE A 46 -24.26 0.99 2.95
CA ILE A 46 -24.43 0.55 1.57
C ILE A 46 -24.70 1.74 0.66
N ARG A 47 -25.67 2.56 1.02
CA ARG A 47 -26.03 3.71 0.21
C ARG A 47 -24.91 4.76 0.19
N LEU A 48 -24.19 4.90 1.31
CA LEU A 48 -23.04 5.79 1.35
C LEU A 48 -21.98 5.37 0.35
N ILE A 49 -21.67 4.08 0.30
CA ILE A 49 -20.75 3.54 -0.70
C ILE A 49 -21.26 3.84 -2.10
N ASN A 50 -22.56 3.63 -2.33
CA ASN A 50 -23.12 3.93 -3.64
C ASN A 50 -22.87 5.40 -4.04
N ILE A 51 -23.19 6.32 -3.14
CA ILE A 51 -22.99 7.75 -3.41
C ILE A 51 -21.51 8.05 -3.64
N LEU A 52 -20.63 7.46 -2.83
CA LEU A 52 -19.20 7.66 -3.01
C LEU A 52 -18.73 7.18 -4.38
N ASP A 53 -19.22 6.02 -4.81
CA ASP A 53 -18.86 5.50 -6.13
C ASP A 53 -19.34 6.43 -7.23
N LYS A 54 -20.50 7.07 -7.05
CA LYS A 54 -20.91 8.08 -8.02
C LYS A 54 -19.89 9.20 -8.14
N LEU A 55 -19.31 9.61 -7.00
CA LEU A 55 -18.35 10.71 -6.99
C LEU A 55 -16.93 10.29 -7.38
N HIS A 56 -16.68 8.99 -7.56
CA HIS A 56 -15.35 8.45 -7.83
C HIS A 56 -14.38 8.74 -6.67
N ILE A 57 -14.67 8.10 -5.54
CA ILE A 57 -13.82 8.20 -4.36
C ILE A 57 -14.03 6.95 -3.52
N THR A 58 -12.93 6.34 -3.09
CA THR A 58 -12.98 5.13 -2.29
C THR A 58 -13.55 5.44 -0.90
N LEU A 59 -14.04 4.40 -0.23
CA LEU A 59 -14.42 4.54 1.17
C LEU A 59 -13.18 4.76 2.03
N ASP A 60 -12.06 4.15 1.63
CA ASP A 60 -10.80 4.45 2.29
C ASP A 60 -10.43 5.92 2.12
N GLU A 61 -10.45 6.40 0.86
CA GLU A 61 -10.16 7.80 0.59
C GLU A 61 -11.11 8.74 1.32
N PHE A 62 -12.40 8.39 1.35
CA PHE A 62 -13.38 9.27 2.00
C PHE A 62 -13.19 9.30 3.51
N LEU A 63 -13.03 8.13 4.14
CA LEU A 63 -12.80 8.11 5.58
C LEU A 63 -11.49 8.79 5.94
N ILE A 64 -10.49 8.72 5.05
CA ILE A 64 -9.24 9.43 5.30
C ILE A 64 -9.47 10.94 5.27
N LEU A 65 -10.15 11.45 4.25
CA LEU A 65 -10.49 12.87 4.23
C LEU A 65 -11.34 13.27 5.42
N HIS A 66 -12.23 12.38 5.85
CA HIS A 66 -13.07 12.71 6.99
C HIS A 66 -12.29 12.73 8.29
N ASP A 67 -11.27 11.88 8.42
CA ASP A 67 -10.42 11.88 9.61
C ASP A 67 -9.37 12.96 9.55
N GLU A 68 -9.10 13.49 8.36
CA GLU A 68 -8.24 14.66 8.24
C GLU A 68 -8.87 15.86 8.95
N ASP A 69 -10.19 15.99 8.87
CA ASP A 69 -10.92 16.86 9.78
C ASP A 69 -11.30 16.04 11.00
N TYR A 70 -11.94 16.67 11.98
CA TYR A 70 -12.40 15.97 13.18
C TYR A 70 -11.16 15.37 13.88
N THR A 71 -11.14 14.08 14.18
CA THR A 71 -10.03 13.51 14.94
C THR A 71 -9.88 12.03 14.59
N LYS A 72 -8.65 11.53 14.70
CA LYS A 72 -8.37 10.10 14.57
C LYS A 72 -8.17 9.60 16.00
N THR A 73 -9.24 9.12 16.60
CA THR A 73 -9.22 8.56 17.95
C THR A 73 -8.43 7.25 18.00
N GLU A 74 -8.25 6.75 19.24
CA GLU A 74 -7.58 5.48 19.53
C GLU A 74 -8.04 4.39 18.57
N SER A 75 -7.15 3.94 17.68
CA SER A 75 -7.54 3.02 16.63
C SER A 75 -6.74 1.72 16.61
N PHE A 76 -5.42 1.80 16.84
CA PHE A 76 -4.39 0.77 16.71
C PHE A 76 -3.58 1.12 15.48
N ALA A 77 -4.26 1.63 14.45
CA ALA A 77 -3.57 2.24 13.33
C ALA A 77 -2.79 3.46 13.81
N ASN A 78 -3.46 4.33 14.58
CA ASN A 78 -2.77 5.48 15.14
C ASN A 78 -1.80 5.06 16.23
N LEU A 79 -2.03 3.91 16.87
CA LEU A 79 -1.07 3.41 17.84
C LEU A 79 0.24 3.01 17.18
N VAL A 80 0.18 2.19 16.13
CA VAL A 80 1.41 1.84 15.42
C VAL A 80 2.02 3.07 14.78
N GLN A 81 1.20 3.99 14.26
CA GLN A 81 1.72 5.26 13.75
C GLN A 81 2.55 5.99 14.81
N TYR A 82 2.01 6.09 16.02
CA TYR A 82 2.68 6.78 17.12
C TYR A 82 3.97 6.05 17.50
N ILE A 83 3.91 4.72 17.59
CA ILE A 83 5.12 3.97 17.92
C ILE A 83 6.16 4.12 16.81
N ARG A 84 5.73 4.21 15.55
CA ARG A 84 6.66 4.46 14.45
C ARG A 84 7.38 5.78 14.64
N LYS A 85 6.62 6.83 14.96
CA LYS A 85 7.24 8.14 15.17
C LYS A 85 8.21 8.10 16.35
N GLN A 86 7.82 7.49 17.47
CA GLN A 86 8.67 7.47 18.65
C GLN A 86 9.92 6.61 18.44
N TYR A 87 9.73 5.38 17.94
CA TYR A 87 10.86 4.49 17.67
C TYR A 87 11.82 5.09 16.67
N SER A 88 11.31 5.73 15.61
CA SER A 88 12.17 6.41 14.65
C SER A 88 13.02 7.47 15.34
N LEU A 89 12.42 8.21 16.28
CA LEU A 89 13.16 9.20 17.05
C LEU A 89 13.95 8.55 18.19
N GLN A 90 13.66 7.29 18.50
CA GLN A 90 14.31 6.55 19.58
C GLN A 90 13.97 7.18 20.92
N ASN A 91 12.68 7.30 21.20
CA ASN A 91 12.16 7.87 22.45
C ASN A 91 11.61 6.73 23.30
N ILE A 92 12.51 6.06 24.03
CA ILE A 92 12.10 4.91 24.84
C ILE A 92 11.06 5.30 25.89
N ASN A 93 11.36 6.35 26.67
CA ASN A 93 10.47 6.77 27.74
C ASN A 93 9.16 7.37 27.23
N ASN A 94 9.05 7.57 25.91
CA ASN A 94 7.78 7.92 25.30
C ASN A 94 6.92 6.69 24.98
N ILE A 95 7.54 5.56 24.67
CA ILE A 95 6.81 4.32 24.41
C ILE A 95 6.48 3.59 25.70
N GLN A 96 7.46 3.52 26.61
CA GLN A 96 7.27 2.89 27.91
C GLN A 96 6.08 3.49 28.65
N SER A 97 5.79 4.78 28.39
CA SER A 97 4.65 5.43 29.02
C SER A 97 3.31 4.87 28.57
N LEU A 98 3.25 4.21 27.41
CA LEU A 98 2.00 3.61 26.96
C LEU A 98 1.53 2.50 27.88
N LEU A 99 2.42 1.96 28.70
CA LEU A 99 2.08 0.90 29.64
C LEU A 99 1.62 1.42 30.99
N SER A 100 1.87 2.69 31.29
CA SER A 100 1.53 3.24 32.59
C SER A 100 0.02 3.42 32.75
N ASP A 101 -0.39 3.67 33.99
CA ASP A 101 -1.78 3.98 34.28
C ASP A 101 -2.23 5.26 33.57
N SER A 102 -1.47 6.34 33.74
CA SER A 102 -1.75 7.67 33.22
C SER A 102 -1.76 7.78 31.70
N SER A 103 -1.64 6.66 30.98
CA SER A 103 -1.59 6.69 29.52
C SER A 103 -2.94 7.06 28.90
N ASN A 104 -2.91 7.90 27.87
CA ASN A 104 -4.13 8.24 27.15
C ASN A 104 -4.40 7.32 25.98
N TYR A 105 -3.33 6.70 25.44
CA TYR A 105 -3.50 5.55 24.55
C TYR A 105 -3.61 4.31 25.42
N THR A 106 -4.71 3.58 25.25
CA THR A 106 -5.04 2.40 26.02
C THR A 106 -4.65 1.13 25.30
N LEU A 107 -3.93 0.25 25.99
CA LEU A 107 -3.44 -1.01 25.45
C LEU A 107 -4.25 -2.19 25.97
N ASP A 108 -4.69 -3.08 25.07
CA ASP A 108 -5.26 -4.36 25.48
C ASP A 108 -4.13 -5.35 25.74
N PRO A 109 -4.41 -6.47 26.46
CA PRO A 109 -3.35 -7.43 26.81
C PRO A 109 -2.36 -7.74 25.70
N PHE A 110 -2.87 -8.09 24.52
CA PHE A 110 -1.98 -8.37 23.39
C PHE A 110 -1.24 -7.12 22.96
N GLU A 111 -1.90 -5.96 23.02
CA GLU A 111 -1.22 -4.70 22.73
C GLU A 111 -0.10 -4.44 23.73
N LYS A 112 -0.33 -4.74 25.01
CA LYS A 112 0.73 -4.60 26.00
C LYS A 112 1.89 -5.53 25.70
N THR A 113 1.58 -6.78 25.32
CA THR A 113 2.63 -7.72 24.94
C THR A 113 3.45 -7.20 23.78
N MET A 114 2.79 -6.68 22.75
CA MET A 114 3.49 -6.17 21.58
C MET A 114 4.37 -4.97 21.93
N VAL A 115 3.85 -4.06 22.75
CA VAL A 115 4.65 -2.89 23.14
C VAL A 115 5.84 -3.30 24.00
N LYS A 116 5.62 -4.21 24.95
CA LYS A 116 6.72 -4.72 25.75
C LYS A 116 7.80 -5.36 24.88
N SER A 117 7.37 -6.10 23.84
CA SER A 117 8.34 -6.76 22.97
C SER A 117 9.09 -5.76 22.10
N ILE A 118 8.42 -4.69 21.67
CA ILE A 118 9.11 -3.62 20.94
C ILE A 118 10.12 -2.94 21.85
N LEU A 119 9.74 -2.69 23.11
CA LEU A 119 10.65 -2.09 24.07
C LEU A 119 11.81 -3.01 24.41
N HIS A 120 11.65 -4.32 24.20
CA HIS A 120 12.75 -5.25 24.47
C HIS A 120 13.96 -4.95 23.60
N THR A 121 13.74 -4.47 22.37
CA THR A 121 14.87 -4.11 21.50
C THR A 121 15.53 -2.81 21.95
N MET A 122 14.76 -1.90 22.56
CA MET A 122 15.34 -0.64 23.03
C MET A 122 16.00 -0.80 24.38
N ASP A 123 15.55 -1.79 25.16
CA ASP A 123 16.15 -2.08 26.46
C ASP A 123 15.90 -3.56 26.74
N SER A 124 16.98 -4.32 26.92
CA SER A 124 16.84 -5.75 27.19
C SER A 124 16.12 -6.00 28.50
N SER A 125 16.21 -5.07 29.46
CA SER A 125 15.58 -5.27 30.76
C SER A 125 14.07 -5.35 30.68
N ILE A 126 13.46 -4.69 29.69
CA ILE A 126 12.02 -4.75 29.48
C ILE A 126 11.72 -6.07 28.79
N ILE A 127 11.16 -7.03 29.55
CA ILE A 127 10.94 -8.39 29.07
C ILE A 127 9.46 -8.74 29.22
N PRO A 128 8.81 -9.22 28.17
CA PRO A 128 7.42 -9.69 28.31
C PRO A 128 7.37 -11.03 29.04
N SER A 129 6.44 -11.13 29.98
CA SER A 129 6.29 -12.33 30.80
C SER A 129 6.08 -13.57 29.94
N ASP A 130 6.56 -14.71 30.45
CA ASP A 130 6.32 -15.99 29.78
C ASP A 130 4.83 -16.22 29.58
N ASP A 131 4.02 -15.79 30.55
CA ASP A 131 2.58 -16.04 30.53
C ASP A 131 1.88 -15.17 29.49
N GLU A 132 2.14 -13.87 29.49
CA GLU A 132 1.51 -12.99 28.52
C GLU A 132 1.94 -13.35 27.11
N LEU A 133 3.17 -13.83 26.95
CA LEU A 133 3.63 -14.27 25.63
C LEU A 133 2.91 -15.54 25.20
N LEU A 134 2.74 -16.48 26.12
CA LEU A 134 2.00 -17.69 25.80
C LEU A 134 0.54 -17.38 25.53
N GLN A 135 -0.01 -16.34 26.17
CA GLN A 135 -1.39 -15.96 25.90
C GLN A 135 -1.53 -15.33 24.52
N LEU A 136 -0.58 -14.48 24.12
CA LEU A 136 -0.63 -13.93 22.78
C LEU A 136 -0.47 -15.03 21.74
N ALA A 137 0.39 -16.01 22.01
CA ALA A 137 0.50 -17.18 21.15
C ALA A 137 -0.81 -17.95 21.11
N ASP A 138 -1.46 -18.08 22.27
CA ASP A 138 -2.77 -18.74 22.34
C ASP A 138 -3.76 -18.08 21.39
N TYR A 139 -3.82 -16.74 21.45
CA TYR A 139 -4.70 -15.99 20.57
C TYR A 139 -4.36 -16.25 19.10
N LEU A 140 -3.10 -15.99 18.72
CA LEU A 140 -2.71 -16.08 17.31
C LEU A 140 -2.90 -17.49 16.75
N PHE A 141 -2.68 -18.52 17.56
CA PHE A 141 -2.89 -19.89 17.10
C PHE A 141 -4.36 -20.17 16.82
N LYS A 142 -5.27 -19.41 17.41
CA LYS A 142 -6.70 -19.61 17.17
C LYS A 142 -7.31 -18.47 16.37
N VAL A 143 -6.66 -18.09 15.26
CA VAL A 143 -7.14 -17.04 14.38
C VAL A 143 -7.73 -17.67 13.11
N GLU A 144 -8.77 -17.03 12.58
CA GLU A 144 -9.34 -17.49 11.32
C GLU A 144 -8.63 -16.78 10.16
N LYS A 145 -9.01 -15.54 9.87
CA LYS A 145 -8.34 -14.73 8.86
C LYS A 145 -7.53 -13.62 9.53
N TRP A 146 -6.28 -13.46 9.07
CA TRP A 146 -5.32 -12.53 9.67
C TRP A 146 -5.48 -11.14 9.08
N GLY A 147 -5.83 -10.17 9.93
CA GLY A 147 -5.86 -8.78 9.57
C GLY A 147 -4.62 -8.04 10.05
N TYR A 148 -4.60 -6.74 9.70
CA TYR A 148 -3.53 -5.84 10.12
C TYR A 148 -3.15 -6.05 11.58
N TYR A 149 -4.18 -6.13 12.43
CA TYR A 149 -4.00 -6.33 13.88
C TYR A 149 -3.10 -7.52 14.18
N GLU A 150 -3.54 -8.72 13.77
CA GLU A 150 -2.79 -9.94 14.08
C GLU A 150 -1.41 -9.93 13.43
N ILE A 151 -1.33 -9.42 12.21
CA ILE A 151 -0.03 -9.32 11.52
C ILE A 151 0.96 -8.52 12.35
N ILE A 152 0.57 -7.31 12.76
CA ILE A 152 1.47 -6.48 13.57
C ILE A 152 1.77 -7.15 14.90
N LEU A 153 0.78 -7.80 15.51
CA LEU A 153 1.04 -8.47 16.78
C LEU A 153 2.15 -9.51 16.65
N LEU A 154 2.06 -10.36 15.62
CA LEU A 154 3.10 -11.36 15.40
C LEU A 154 4.43 -10.70 15.01
N GLY A 155 4.38 -9.80 14.04
CA GLY A 155 5.55 -9.10 13.51
C GLY A 155 6.52 -8.50 14.49
N ASN A 156 6.02 -7.95 15.61
CA ASN A 156 6.92 -7.37 16.59
C ASN A 156 7.41 -8.36 17.64
N CYS A 157 6.74 -9.49 17.77
CA CYS A 157 7.11 -10.51 18.74
C CYS A 157 7.75 -11.72 18.09
N VAL A 158 8.27 -11.55 16.88
CA VAL A 158 8.91 -12.64 16.15
C VAL A 158 10.10 -13.16 16.94
N ARG A 159 10.74 -12.30 17.73
CA ARG A 159 11.91 -12.69 18.50
C ARG A 159 11.61 -12.84 19.99
N THR A 160 10.35 -12.72 20.39
CA THR A 160 9.98 -12.82 21.79
C THR A 160 9.24 -14.11 22.12
N ILE A 161 8.34 -14.56 21.25
CA ILE A 161 7.62 -15.80 21.46
C ILE A 161 8.48 -16.97 21.00
N ASP A 162 8.22 -18.15 21.56
CA ASP A 162 8.92 -19.39 21.21
C ASP A 162 9.08 -19.52 19.71
N TYR A 163 10.29 -19.89 19.27
CA TYR A 163 10.60 -19.99 17.85
C TYR A 163 9.59 -20.86 17.12
N ASN A 164 9.43 -22.12 17.57
CA ASN A 164 8.53 -23.05 16.91
C ASN A 164 7.14 -22.44 16.73
N SER A 165 6.62 -21.83 17.80
CA SER A 165 5.35 -21.12 17.71
C SER A 165 5.40 -20.02 16.65
N VAL A 166 6.51 -19.27 16.61
CA VAL A 166 6.62 -18.16 15.66
C VAL A 166 6.55 -18.66 14.22
N PHE A 167 7.35 -19.69 13.90
CA PHE A 167 7.32 -20.23 12.54
C PHE A 167 5.95 -20.80 12.19
N LEU A 168 5.35 -21.57 13.11
CA LEU A 168 4.02 -22.12 12.85
C LEU A 168 3.03 -21.01 12.54
N LEU A 169 3.02 -19.96 13.37
CA LEU A 169 2.12 -18.84 13.16
C LEU A 169 2.41 -18.12 11.85
N THR A 170 3.69 -18.04 11.48
CA THR A 170 4.06 -17.44 10.20
C THR A 170 3.46 -18.23 9.04
N LYS A 171 3.64 -19.56 9.08
CA LYS A 171 3.05 -20.43 8.08
C LYS A 171 1.54 -20.22 7.97
N GLU A 172 0.86 -20.16 9.11
CA GLU A 172 -0.60 -19.93 9.07
C GLU A 172 -0.92 -18.55 8.50
N MET A 173 -0.14 -17.54 8.87
CA MET A 173 -0.36 -16.18 8.37
C MET A 173 -0.26 -16.11 6.86
N LEU A 174 0.80 -16.72 6.29
CA LEU A 174 1.00 -16.69 4.85
C LEU A 174 -0.22 -17.21 4.08
N ASN A 175 -0.94 -18.18 4.64
CA ASN A 175 -2.07 -18.78 3.93
C ASN A 175 -3.41 -18.40 4.54
N ASN A 176 -3.48 -17.30 5.29
CA ASN A 176 -4.74 -16.91 5.89
C ASN A 176 -4.92 -15.41 6.04
N TYR A 177 -3.97 -14.58 5.60
CA TYR A 177 -4.11 -13.15 5.81
C TYR A 177 -5.01 -12.53 4.74
N ILE A 178 -5.59 -11.39 5.09
CA ILE A 178 -6.50 -10.68 4.18
C ILE A 178 -5.69 -9.88 3.19
N TYR A 179 -5.98 -10.05 1.90
CA TYR A 179 -5.21 -9.41 0.84
C TYR A 179 -6.13 -8.92 -0.27
N SER A 180 -5.81 -7.73 -0.79
CA SER A 180 -6.53 -7.12 -1.90
C SER A 180 -5.48 -6.53 -2.83
N SER A 181 -5.62 -6.78 -4.13
CA SER A 181 -4.65 -6.29 -5.10
C SER A 181 -4.53 -4.77 -5.08
N LEU A 182 -5.62 -4.07 -4.86
CA LEU A 182 -5.59 -2.62 -4.80
C LEU A 182 -4.95 -2.04 -3.52
N ASN A 183 -4.49 -2.87 -2.59
CA ASN A 183 -3.82 -2.38 -1.39
C ASN A 183 -3.00 -3.54 -0.85
N LYS A 184 -1.73 -3.60 -1.25
CA LYS A 184 -0.82 -4.66 -0.85
C LYS A 184 -0.03 -4.31 0.41
N THR A 185 -0.51 -3.35 1.18
CA THR A 185 0.15 -2.99 2.43
C THR A 185 0.29 -4.22 3.31
N ASN A 186 -0.82 -4.92 3.54
CA ASN A 186 -0.78 -6.16 4.32
C ASN A 186 0.19 -7.14 3.71
N LYS A 187 0.20 -7.25 2.37
CA LYS A 187 1.11 -8.17 1.69
C LYS A 187 2.56 -7.78 1.90
N ARG A 188 2.87 -6.49 1.79
CA ARG A 188 4.26 -6.05 1.99
C ARG A 188 4.71 -6.32 3.42
N ILE A 189 3.86 -6.03 4.41
CA ILE A 189 4.21 -6.31 5.79
C ILE A 189 4.39 -7.81 6.01
N VAL A 190 3.54 -8.61 5.39
CA VAL A 190 3.69 -10.07 5.50
C VAL A 190 5.01 -10.52 4.91
N THR A 191 5.39 -9.96 3.76
CA THR A 191 6.68 -10.30 3.15
C THR A 191 7.83 -9.94 4.08
N GLN A 192 7.78 -8.75 4.68
CA GLN A 192 8.81 -8.36 5.63
C GLN A 192 8.88 -9.31 6.82
N LEU A 193 7.72 -9.69 7.35
CA LEU A 193 7.67 -10.63 8.46
C LEU A 193 8.26 -11.98 8.07
N ALA A 194 7.87 -12.49 6.91
CA ALA A 194 8.42 -13.74 6.39
C ALA A 194 9.94 -13.67 6.27
N ILE A 195 10.47 -12.55 5.78
CA ILE A 195 11.91 -12.43 5.61
C ILE A 195 12.61 -12.38 6.97
N ASN A 196 11.97 -11.73 7.96
CA ASN A 196 12.56 -11.71 9.29
C ASN A 196 12.53 -13.09 9.93
N CYS A 197 11.44 -13.82 9.69
CA CYS A 197 11.35 -15.20 10.14
C CYS A 197 12.39 -16.06 9.43
N LEU A 198 12.70 -15.77 8.17
CA LEU A 198 13.75 -16.48 7.45
C LEU A 198 15.12 -16.23 8.06
N ILE A 199 15.41 -14.97 8.38
CA ILE A 199 16.67 -14.66 9.07
C ILE A 199 16.74 -15.41 10.39
N LEU A 200 15.66 -15.39 11.16
CA LEU A 200 15.63 -16.10 12.43
C LEU A 200 15.72 -17.61 12.23
N SER A 201 15.22 -18.12 11.11
CA SER A 201 15.30 -19.54 10.80
C SER A 201 16.73 -19.95 10.49
N ILE A 202 17.46 -19.10 9.77
CA ILE A 202 18.87 -19.37 9.53
C ILE A 202 19.64 -19.24 10.83
N ASP A 203 19.19 -18.36 11.74
CA ASP A 203 19.80 -18.28 13.06
C ASP A 203 19.67 -19.61 13.79
N MET A 204 18.48 -20.20 13.77
CA MET A 204 18.22 -21.47 14.44
C MET A 204 18.68 -22.68 13.63
N GLU A 205 19.12 -22.48 12.38
CA GLU A 205 19.61 -23.55 11.52
C GLU A 205 18.53 -24.60 11.24
N GLU A 206 17.29 -24.14 11.04
CA GLU A 206 16.21 -25.01 10.60
C GLU A 206 15.98 -24.79 9.11
N PHE A 207 16.84 -25.45 8.31
CA PHE A 207 16.89 -25.22 6.87
C PHE A 207 15.66 -25.72 6.15
N THR A 208 14.88 -26.63 6.74
CA THR A 208 13.61 -26.99 6.09
C THR A 208 12.64 -25.82 6.15
N ASN A 209 12.57 -25.17 7.31
CA ASN A 209 11.79 -23.94 7.43
C ASN A 209 12.35 -22.86 6.52
N CYS A 210 13.67 -22.81 6.41
CA CYS A 210 14.33 -21.86 5.51
C CYS A 210 13.87 -22.04 4.07
N PHE A 211 13.99 -23.27 3.55
CA PHE A 211 13.54 -23.58 2.19
C PHE A 211 12.07 -23.21 1.99
N TYR A 212 11.21 -23.63 2.92
CA TYR A 212 9.79 -23.31 2.81
C TYR A 212 9.56 -21.81 2.71
N LEU A 213 10.13 -21.05 3.65
CA LEU A 213 9.95 -19.60 3.65
C LEU A 213 10.58 -18.95 2.41
N ILE A 214 11.69 -19.49 1.91
CA ILE A 214 12.29 -18.94 0.69
C ILE A 214 11.32 -19.07 -0.48
N ASP A 215 10.70 -20.24 -0.63
CA ASP A 215 9.71 -20.40 -1.69
C ASP A 215 8.52 -19.45 -1.48
N GLU A 216 8.03 -19.35 -0.24
CA GLU A 216 6.88 -18.50 0.06
C GLU A 216 7.18 -17.04 -0.25
N ILE A 217 8.32 -16.55 0.24
CA ILE A 217 8.74 -15.17 -0.01
C ILE A 217 8.91 -14.94 -1.50
N LYS A 218 9.56 -15.87 -2.20
CA LYS A 218 9.62 -15.82 -3.65
C LYS A 218 8.24 -15.54 -4.26
N ALA A 219 7.24 -16.33 -3.84
CA ALA A 219 5.90 -16.15 -4.37
C ALA A 219 5.36 -14.76 -4.06
N LEU A 220 5.50 -14.32 -2.82
CA LEU A 220 5.03 -12.99 -2.42
C LEU A 220 5.69 -11.89 -3.25
N LEU A 221 6.99 -12.02 -3.51
CA LEU A 221 7.76 -10.99 -4.21
C LEU A 221 7.45 -10.95 -5.69
N ASP A 222 7.03 -12.09 -6.26
CA ASP A 222 6.85 -12.22 -7.70
C ASP A 222 6.00 -11.08 -8.28
N ASN A 223 6.57 -10.42 -9.29
CA ASN A 223 5.94 -9.27 -9.95
C ASN A 223 5.38 -8.28 -8.93
N GLU A 224 6.12 -8.10 -7.84
CA GLU A 224 5.83 -7.07 -6.85
C GLU A 224 7.09 -6.23 -6.70
N LEU A 225 7.01 -4.95 -7.07
CA LEU A 225 8.21 -4.13 -7.20
C LEU A 225 8.80 -3.72 -5.86
N ASN A 226 8.72 -4.61 -4.86
CA ASN A 226 9.22 -4.32 -3.51
C ASN A 226 10.71 -4.63 -3.42
N PHE A 227 11.48 -3.84 -4.18
CA PHE A 227 12.93 -4.06 -4.27
C PHE A 227 13.63 -4.02 -2.93
N TYR A 228 13.06 -3.32 -1.93
CA TYR A 228 13.66 -3.38 -0.60
C TYR A 228 13.55 -4.79 -0.02
N GLU A 229 12.34 -5.37 -0.08
CA GLU A 229 12.17 -6.75 0.32
C GLU A 229 13.03 -7.68 -0.53
N GLN A 230 13.12 -7.42 -1.84
CA GLN A 230 13.98 -8.26 -2.68
C GLN A 230 15.44 -8.18 -2.25
N THR A 231 15.90 -7.00 -1.82
CA THR A 231 17.29 -6.83 -1.41
C THR A 231 17.56 -7.55 -0.09
N VAL A 232 16.69 -7.34 0.89
CA VAL A 232 16.90 -8.03 2.16
C VAL A 232 16.72 -9.54 1.99
N PHE A 233 15.89 -9.96 1.02
CA PHE A 233 15.73 -11.38 0.74
C PHE A 233 16.95 -11.96 0.02
N LEU A 234 17.61 -11.15 -0.82
CA LEU A 234 18.86 -11.59 -1.42
C LEU A 234 19.91 -11.79 -0.34
N TYR A 235 20.00 -10.85 0.61
CA TYR A 235 20.91 -11.04 1.73
C TYR A 235 20.48 -12.23 2.59
N ALA A 236 19.17 -12.46 2.72
CA ALA A 236 18.68 -13.62 3.47
C ALA A 236 19.12 -14.92 2.82
N THR A 237 18.97 -15.02 1.50
CA THR A 237 19.41 -16.22 0.79
C THR A 237 20.91 -16.39 0.91
N GLY A 238 21.66 -15.29 0.96
CA GLY A 238 23.08 -15.38 1.19
C GLY A 238 23.42 -15.93 2.56
N TYR A 239 22.79 -15.38 3.60
CA TYR A 239 22.96 -15.88 4.95
C TYR A 239 22.59 -17.36 5.05
N PHE A 240 21.49 -17.73 4.39
CA PHE A 240 21.06 -19.13 4.33
C PHE A 240 22.16 -20.02 3.75
N GLU A 241 22.63 -19.68 2.55
CA GLU A 241 23.65 -20.49 1.89
C GLU A 241 25.00 -20.45 2.63
N PHE A 242 25.28 -19.39 3.40
CA PHE A 242 26.51 -19.33 4.18
C PHE A 242 26.45 -20.25 5.39
N LYS A 243 25.35 -20.16 6.16
CA LYS A 243 25.18 -21.03 7.32
C LYS A 243 25.19 -22.50 6.90
N ARG A 244 24.52 -22.82 5.82
CA ARG A 244 24.41 -24.19 5.34
C ARG A 244 25.75 -24.76 4.88
N TRP A 245 26.26 -24.31 3.73
CA TRP A 245 27.48 -24.88 3.16
C TRP A 245 28.68 -23.94 3.13
N GLN A 246 28.51 -22.67 3.49
CA GLN A 246 29.52 -21.62 3.26
C GLN A 246 29.75 -21.42 1.76
N SER A 247 28.63 -21.33 1.03
CA SER A 247 28.66 -21.24 -0.43
C SER A 247 29.28 -19.93 -0.90
N THR A 248 30.08 -20.02 -1.95
CA THR A 248 30.59 -18.81 -2.60
C THR A 248 29.45 -18.01 -3.22
N SER A 249 28.38 -18.68 -3.66
CA SER A 249 27.23 -17.96 -4.18
C SER A 249 26.48 -17.25 -3.07
N GLY A 250 26.50 -17.82 -1.86
CA GLY A 250 25.79 -17.18 -0.75
C GLY A 250 26.50 -15.91 -0.31
N ILE A 251 27.82 -15.96 -0.15
CA ILE A 251 28.58 -14.76 0.19
C ILE A 251 28.52 -13.77 -0.96
N GLU A 252 28.44 -14.26 -2.19
CA GLU A 252 28.25 -13.37 -3.34
C GLU A 252 26.93 -12.61 -3.23
N LYS A 253 25.85 -13.32 -2.90
CA LYS A 253 24.55 -12.66 -2.70
C LYS A 253 24.59 -11.65 -1.56
N MET A 254 25.20 -12.05 -0.44
CA MET A 254 25.29 -11.13 0.71
C MET A 254 26.06 -9.87 0.36
N LYS A 255 27.14 -10.02 -0.41
CA LYS A 255 27.88 -8.85 -0.88
C LYS A 255 27.04 -8.00 -1.81
N GLN A 256 26.30 -8.65 -2.71
CA GLN A 256 25.45 -7.94 -3.67
C GLN A 256 24.39 -7.10 -2.97
N ALA A 257 23.84 -7.60 -1.85
CA ALA A 257 22.78 -6.86 -1.17
C ALA A 257 23.33 -5.57 -0.55
N ILE A 258 24.48 -5.65 0.12
CA ILE A 258 25.12 -4.45 0.61
C ILE A 258 25.47 -3.52 -0.54
N GLN A 259 25.79 -4.08 -1.71
CA GLN A 259 26.06 -3.25 -2.88
C GLN A 259 24.81 -2.46 -3.29
N VAL A 260 23.64 -3.10 -3.25
CA VAL A 260 22.39 -2.39 -3.52
C VAL A 260 22.20 -1.27 -2.50
N LEU A 261 22.36 -1.60 -1.22
CA LEU A 261 22.23 -0.61 -0.16
C LEU A 261 23.25 0.51 -0.31
N ASP A 262 24.35 0.28 -1.03
CA ASP A 262 25.29 1.36 -1.31
C ASP A 262 24.81 2.25 -2.44
N ILE A 263 24.47 1.65 -3.59
CA ILE A 263 23.95 2.43 -4.71
C ILE A 263 22.76 3.27 -4.31
N LEU A 264 21.84 2.70 -3.52
CA LEU A 264 20.64 3.42 -3.09
C LEU A 264 20.84 4.28 -1.86
N GLY A 265 22.09 4.68 -1.56
CA GLY A 265 22.41 5.57 -0.47
C GLY A 265 21.65 5.41 0.83
N GLU A 266 21.35 4.16 1.20
CA GLU A 266 20.58 3.85 2.42
C GLU A 266 21.45 3.66 3.64
N ASP A 267 22.52 4.46 3.75
CA ASP A 267 23.51 4.47 4.83
C ASP A 267 23.27 3.52 5.99
N ASN A 268 22.14 3.70 6.70
CA ASN A 268 21.89 2.94 7.92
C ASN A 268 21.67 1.45 7.66
N LEU A 269 20.90 1.12 6.63
CA LEU A 269 20.68 -0.28 6.27
C LEU A 269 21.99 -0.95 5.86
N LYS A 270 22.74 -0.27 4.99
CA LYS A 270 24.06 -0.74 4.60
C LYS A 270 24.95 -0.96 5.81
N LEU A 271 24.84 -0.08 6.82
CA LEU A 271 25.71 -0.19 7.99
C LEU A 271 25.34 -1.40 8.85
N HIS A 272 24.05 -1.58 9.15
CA HIS A 272 23.67 -2.72 9.98
C HIS A 272 23.96 -4.04 9.26
N TYR A 273 23.65 -4.10 7.96
CA TYR A 273 23.92 -5.33 7.23
C TYR A 273 25.40 -5.51 6.91
N THR A 274 26.21 -4.48 7.11
CA THR A 274 27.66 -4.63 7.06
C THR A 274 28.19 -5.17 8.39
N ILE A 275 27.70 -4.64 9.51
CA ILE A 275 28.15 -5.13 10.82
C ILE A 275 27.75 -6.59 11.02
N HIS A 276 26.62 -7.03 10.47
CA HIS A 276 26.25 -8.44 10.55
C HIS A 276 27.23 -9.30 9.74
N PHE A 277 27.45 -8.91 8.48
CA PHE A 277 28.41 -9.59 7.61
C PHE A 277 29.79 -9.63 8.26
N ASP A 278 30.14 -8.59 9.02
CA ASP A 278 31.44 -8.56 9.69
C ASP A 278 31.55 -9.68 10.72
N LYS A 279 30.52 -9.84 11.55
CA LYS A 279 30.52 -10.93 12.51
C LYS A 279 30.56 -12.28 11.80
N LEU A 280 29.88 -12.40 10.66
CA LEU A 280 29.91 -13.66 9.94
C LEU A 280 31.31 -13.97 9.41
N ILE A 281 32.01 -12.96 8.89
CA ILE A 281 33.35 -13.19 8.33
C ILE A 281 34.44 -13.15 9.39
N ASN A 282 34.22 -12.48 10.52
CA ASN A 282 35.20 -12.50 11.60
C ASN A 282 35.25 -13.88 12.27
N ASN A 283 34.09 -14.44 12.55
CA ASN A 283 34.00 -15.73 13.22
C ASN A 283 33.82 -16.85 12.19
N LYS B 4 -26.93 -6.72 2.80
CA LYS B 4 -26.13 -7.80 2.23
C LYS B 4 -24.78 -7.92 2.91
N LEU B 5 -24.38 -6.86 3.62
CA LEU B 5 -23.08 -6.84 4.27
C LEU B 5 -23.06 -7.75 5.50
N GLY B 6 -24.06 -7.60 6.36
CA GLY B 6 -24.16 -8.30 7.63
C GLY B 6 -23.77 -9.77 7.62
N SER B 7 -24.10 -10.48 6.54
CA SER B 7 -23.78 -11.91 6.46
C SER B 7 -22.29 -12.14 6.69
N THR B 8 -21.44 -11.42 5.96
CA THR B 8 -20.01 -11.64 6.15
C THR B 8 -19.55 -11.14 7.50
N LEU B 9 -20.23 -10.13 8.04
CA LEU B 9 -19.97 -9.72 9.42
C LEU B 9 -20.17 -10.91 10.34
N ARG B 10 -21.28 -11.62 10.16
CA ARG B 10 -21.50 -12.85 10.92
C ARG B 10 -20.30 -13.77 10.76
N LYS B 11 -19.90 -14.04 9.51
CA LYS B 11 -18.73 -14.88 9.29
C LYS B 11 -17.54 -14.36 10.08
N VAL B 12 -17.25 -13.06 9.92
CA VAL B 12 -16.12 -12.48 10.63
C VAL B 12 -16.28 -12.69 12.12
N ARG B 13 -17.47 -12.38 12.63
CA ARG B 13 -17.72 -12.52 14.06
C ARG B 13 -17.55 -13.97 14.48
N ASN B 14 -18.04 -14.91 13.67
CA ASN B 14 -17.88 -16.31 14.03
C ASN B 14 -16.43 -16.76 13.90
N GLY B 15 -15.67 -16.14 13.01
CA GLY B 15 -14.26 -16.50 12.89
C GLY B 15 -13.45 -16.10 14.11
N LYS B 16 -13.73 -14.92 14.65
CA LYS B 16 -13.07 -14.47 15.88
C LYS B 16 -13.70 -15.07 17.13
N GLN B 17 -14.72 -15.93 16.96
CA GLN B 17 -15.46 -16.60 18.03
C GLN B 17 -15.79 -15.67 19.19
N ILE B 18 -16.43 -14.55 18.85
CA ILE B 18 -16.98 -13.63 19.85
C ILE B 18 -18.48 -13.54 19.60
N SER B 19 -19.22 -13.30 20.67
CA SER B 19 -20.68 -13.34 20.63
C SER B 19 -21.26 -11.98 20.26
N ILE B 20 -22.54 -12.01 19.85
CA ILE B 20 -23.28 -10.78 19.57
C ILE B 20 -23.30 -9.87 20.79
N CYS B 21 -23.55 -10.45 21.97
CA CYS B 21 -23.51 -9.70 23.21
C CYS B 21 -22.21 -8.91 23.38
N SER B 22 -21.10 -9.45 22.86
CA SER B 22 -19.83 -8.76 23.01
C SER B 22 -19.79 -7.49 22.17
N VAL B 23 -20.11 -7.59 20.88
CA VAL B 23 -20.12 -6.41 20.03
C VAL B 23 -21.29 -5.47 20.31
N ALA B 24 -22.29 -5.93 21.05
CA ALA B 24 -23.38 -5.04 21.43
C ALA B 24 -22.89 -4.01 22.43
N ASP B 25 -23.38 -2.79 22.30
CA ASP B 25 -22.92 -1.72 23.17
C ASP B 25 -23.99 -0.63 23.23
N GLU B 26 -23.62 0.48 23.87
CA GLU B 26 -24.47 1.67 23.96
C GLU B 26 -24.92 2.17 22.60
N HIS B 27 -24.19 1.86 21.53
CA HIS B 27 -24.50 2.38 20.20
C HIS B 27 -25.39 1.46 19.37
N LEU B 28 -25.49 0.18 19.70
CA LEU B 28 -26.31 -0.74 18.92
C LEU B 28 -26.80 -1.89 19.78
N SER B 29 -28.10 -2.19 19.69
CA SER B 29 -28.72 -3.27 20.43
C SER B 29 -28.46 -4.64 19.81
N LYS B 30 -28.41 -5.67 20.66
CA LYS B 30 -28.16 -7.05 20.23
C LYS B 30 -29.11 -7.47 19.11
N SER B 31 -30.41 -7.23 19.30
CA SER B 31 -31.40 -7.64 18.31
C SER B 31 -31.08 -7.08 16.94
N GLN B 32 -30.59 -5.83 16.89
CA GLN B 32 -30.28 -5.22 15.60
C GLN B 32 -29.10 -5.89 14.94
N ILE B 33 -28.13 -6.36 15.73
CA ILE B 33 -27.02 -7.11 15.17
C ILE B 33 -27.51 -8.43 14.61
N SER B 34 -28.33 -9.15 15.39
CA SER B 34 -28.94 -10.39 14.89
C SER B 34 -29.62 -10.17 13.54
N ARG B 35 -30.48 -9.16 13.46
CA ARG B 35 -31.22 -8.90 12.23
C ARG B 35 -30.28 -8.53 11.09
N PHE B 36 -29.35 -7.59 11.34
CA PHE B 36 -28.42 -7.16 10.29
C PHE B 36 -27.60 -8.32 9.76
N GLU B 37 -27.07 -9.17 10.66
CA GLU B 37 -26.32 -10.33 10.22
C GLU B 37 -27.21 -11.31 9.46
N ARG B 38 -28.51 -11.32 9.77
CA ARG B 38 -29.43 -12.19 9.06
C ARG B 38 -30.00 -11.56 7.79
N GLY B 39 -29.36 -10.48 7.31
CA GLY B 39 -29.84 -9.79 6.11
C GLY B 39 -31.25 -9.26 6.21
N GLU B 40 -31.71 -8.95 7.41
CA GLU B 40 -33.08 -8.53 7.64
C GLU B 40 -33.23 -7.03 7.84
N SER B 41 -32.24 -6.35 8.42
CA SER B 41 -32.26 -4.92 8.60
C SER B 41 -30.86 -4.37 8.36
N GLU B 42 -30.77 -3.06 8.16
CA GLU B 42 -29.49 -2.41 7.84
C GLU B 42 -29.17 -1.34 8.86
N ILE B 43 -27.90 -1.30 9.29
CA ILE B 43 -27.41 -0.33 10.25
C ILE B 43 -26.61 0.74 9.50
N SER B 44 -26.56 1.93 10.09
CA SER B 44 -25.75 3.01 9.52
C SER B 44 -24.28 2.62 9.52
N CYS B 45 -23.52 3.27 8.63
CA CYS B 45 -22.10 2.96 8.49
C CYS B 45 -21.33 3.22 9.77
N ILE B 46 -21.73 4.24 10.54
CA ILE B 46 -21.06 4.55 11.80
C ILE B 46 -21.10 3.34 12.74
N ARG B 47 -22.29 2.75 12.89
CA ARG B 47 -22.45 1.62 13.80
C ARG B 47 -21.70 0.38 13.29
N LEU B 48 -21.70 0.17 11.98
CA LEU B 48 -20.92 -0.93 11.41
C LEU B 48 -19.43 -0.75 11.67
N ILE B 49 -18.94 0.49 11.51
CA ILE B 49 -17.56 0.81 11.83
C ILE B 49 -17.27 0.48 13.29
N ASN B 50 -18.18 0.87 14.18
CA ASN B 50 -18.00 0.58 15.61
C ASN B 50 -17.88 -0.93 15.84
N ILE B 51 -18.80 -1.71 15.28
CA ILE B 51 -18.77 -3.15 15.45
C ILE B 51 -17.47 -3.74 14.92
N LEU B 52 -17.03 -3.27 13.74
CA LEU B 52 -15.76 -3.73 13.19
C LEU B 52 -14.60 -3.38 14.11
N ASP B 53 -14.61 -2.18 14.67
CA ASP B 53 -13.54 -1.75 15.58
C ASP B 53 -13.46 -2.67 16.79
N LYS B 54 -14.60 -3.10 17.31
CA LYS B 54 -14.59 -4.07 18.39
C LYS B 54 -13.92 -5.38 17.96
N LEU B 55 -14.15 -5.80 16.71
CA LEU B 55 -13.63 -7.05 16.18
C LEU B 55 -12.18 -6.98 15.68
N HIS B 56 -11.55 -5.80 15.69
CA HIS B 56 -10.19 -5.60 15.18
C HIS B 56 -10.12 -5.91 13.68
N ILE B 57 -10.81 -5.11 12.88
CA ILE B 57 -10.79 -5.29 11.44
C ILE B 57 -11.11 -3.97 10.75
N THR B 58 -10.31 -3.62 9.73
CA THR B 58 -10.54 -2.40 8.99
C THR B 58 -11.82 -2.50 8.17
N LEU B 59 -12.37 -1.35 7.79
CA LEU B 59 -13.50 -1.37 6.86
C LEU B 59 -13.08 -1.86 5.49
N ASP B 60 -11.87 -1.52 5.05
CA ASP B 60 -11.32 -2.13 3.84
C ASP B 60 -11.13 -3.62 4.04
N GLU B 61 -10.52 -4.02 5.16
CA GLU B 61 -10.34 -5.45 5.41
C GLU B 61 -11.67 -6.17 5.34
N PHE B 62 -12.70 -5.59 5.94
CA PHE B 62 -14.03 -6.19 5.98
C PHE B 62 -14.66 -6.24 4.59
N LEU B 63 -14.60 -5.14 3.85
CA LEU B 63 -15.14 -5.12 2.50
C LEU B 63 -14.38 -6.06 1.58
N ILE B 64 -13.08 -6.26 1.81
CA ILE B 64 -12.31 -7.23 1.03
C ILE B 64 -12.81 -8.64 1.31
N LEU B 65 -12.97 -8.98 2.58
CA LEU B 65 -13.55 -10.28 2.92
C LEU B 65 -14.95 -10.44 2.34
N HIS B 66 -15.72 -9.34 2.29
CA HIS B 66 -17.08 -9.40 1.74
C HIS B 66 -17.05 -9.58 0.22
N ASP B 67 -16.02 -9.04 -0.44
CA ASP B 67 -15.84 -9.21 -1.88
C ASP B 67 -15.19 -10.54 -2.23
N GLU B 68 -14.55 -11.18 -1.26
CA GLU B 68 -14.05 -12.54 -1.47
C GLU B 68 -15.19 -13.48 -1.80
N ASP B 69 -16.32 -13.32 -1.10
CA ASP B 69 -17.57 -13.94 -1.49
C ASP B 69 -18.38 -12.97 -2.37
N TYR B 70 -19.55 -13.42 -2.79
CA TYR B 70 -20.48 -12.60 -3.58
C TYR B 70 -19.80 -12.19 -4.89
N THR B 71 -19.84 -10.91 -5.27
CA THR B 71 -19.28 -10.43 -6.51
C THR B 71 -19.04 -8.92 -6.36
N LYS B 72 -18.06 -8.40 -7.11
CA LYS B 72 -17.73 -6.98 -7.08
C LYS B 72 -18.37 -6.26 -8.24
N THR B 73 -19.23 -5.30 -7.93
CA THR B 73 -19.79 -4.45 -8.97
C THR B 73 -18.64 -3.74 -9.67
N GLU B 74 -18.30 -4.21 -10.87
CA GLU B 74 -17.20 -3.69 -11.66
C GLU B 74 -17.08 -2.18 -11.65
N SER B 75 -15.99 -1.68 -11.07
CA SER B 75 -15.75 -0.27 -10.87
C SER B 75 -14.46 0.13 -11.59
N PHE B 76 -14.05 1.39 -11.40
CA PHE B 76 -12.81 1.86 -12.02
C PHE B 76 -11.62 1.15 -11.39
N ALA B 77 -11.73 0.82 -10.11
CA ALA B 77 -10.71 0.01 -9.44
C ALA B 77 -10.56 -1.36 -10.09
N ASN B 78 -11.67 -2.06 -10.28
CA ASN B 78 -11.57 -3.37 -10.93
C ASN B 78 -11.23 -3.22 -12.40
N LEU B 79 -11.56 -2.07 -13.01
CA LEU B 79 -11.20 -1.85 -14.40
C LEU B 79 -9.69 -1.76 -14.57
N VAL B 80 -9.03 -0.93 -13.76
CA VAL B 80 -7.57 -0.87 -13.82
C VAL B 80 -6.96 -2.21 -13.43
N GLN B 81 -7.58 -2.92 -12.48
CA GLN B 81 -7.13 -4.27 -12.17
C GLN B 81 -7.05 -5.13 -13.44
N TYR B 82 -8.15 -5.15 -14.19
CA TYR B 82 -8.24 -5.96 -15.40
C TYR B 82 -7.27 -5.48 -16.48
N ILE B 83 -7.19 -4.16 -16.71
CA ILE B 83 -6.29 -3.65 -17.74
C ILE B 83 -4.83 -3.90 -17.38
N ARG B 84 -4.46 -3.80 -16.10
CA ARG B 84 -3.10 -4.12 -15.73
C ARG B 84 -2.80 -5.58 -16.04
N LYS B 85 -3.72 -6.48 -15.65
CA LYS B 85 -3.50 -7.90 -15.91
C LYS B 85 -3.37 -8.19 -17.41
N GLN B 86 -4.21 -7.57 -18.22
CA GLN B 86 -4.17 -7.81 -19.67
C GLN B 86 -2.90 -7.24 -20.29
N TYR B 87 -2.54 -6.00 -19.93
CA TYR B 87 -1.33 -5.37 -20.46
C TYR B 87 -0.09 -6.20 -20.14
N SER B 88 -0.01 -6.73 -18.92
CA SER B 88 1.12 -7.60 -18.57
C SER B 88 1.22 -8.78 -19.53
N LEU B 89 0.09 -9.40 -19.87
CA LEU B 89 0.04 -10.52 -20.79
C LEU B 89 0.12 -10.14 -22.26
N GLN B 90 -0.03 -8.84 -22.58
CA GLN B 90 -0.01 -8.34 -23.95
C GLN B 90 -1.22 -8.83 -24.74
N ASN B 91 -2.42 -8.56 -24.22
CA ASN B 91 -3.67 -8.87 -24.90
C ASN B 91 -4.27 -7.55 -25.38
N ILE B 92 -3.79 -7.08 -26.54
CA ILE B 92 -4.26 -5.82 -27.09
C ILE B 92 -5.75 -5.87 -27.38
N ASN B 93 -6.21 -6.97 -27.97
CA ASN B 93 -7.62 -7.05 -28.34
C ASN B 93 -8.51 -7.19 -27.11
N ASN B 94 -7.94 -7.64 -25.99
CA ASN B 94 -8.74 -7.77 -24.78
C ASN B 94 -8.92 -6.43 -24.09
N ILE B 95 -7.98 -5.51 -24.30
CA ILE B 95 -8.12 -4.17 -23.78
C ILE B 95 -8.98 -3.32 -24.72
N GLN B 96 -8.72 -3.40 -26.02
CA GLN B 96 -9.51 -2.66 -26.99
C GLN B 96 -10.99 -3.05 -26.95
N SER B 97 -11.31 -4.29 -26.57
CA SER B 97 -12.71 -4.69 -26.51
C SER B 97 -13.51 -3.88 -25.50
N LEU B 98 -12.84 -3.24 -24.53
CA LEU B 98 -13.54 -2.42 -23.54
C LEU B 98 -14.23 -1.20 -24.16
N LEU B 99 -13.86 -0.82 -25.39
CA LEU B 99 -14.47 0.32 -26.06
C LEU B 99 -15.67 -0.06 -26.91
N SER B 100 -15.82 -1.33 -27.23
CA SER B 100 -16.86 -1.81 -28.13
C SER B 100 -18.23 -1.82 -27.44
N ASP B 101 -19.26 -2.09 -28.25
CA ASP B 101 -20.59 -2.29 -27.71
C ASP B 101 -20.60 -3.45 -26.72
N SER B 102 -20.04 -4.58 -27.13
CA SER B 102 -20.03 -5.83 -26.37
C SER B 102 -19.31 -5.78 -25.03
N SER B 103 -18.73 -4.63 -24.66
CA SER B 103 -18.00 -4.59 -23.39
C SER B 103 -18.97 -4.61 -22.22
N ASN B 104 -18.70 -5.46 -21.24
CA ASN B 104 -19.49 -5.51 -20.02
C ASN B 104 -18.91 -4.61 -18.94
N TYR B 105 -17.89 -3.83 -19.27
CA TYR B 105 -17.51 -2.65 -18.51
C TYR B 105 -17.94 -1.42 -19.30
N THR B 106 -18.78 -0.56 -18.72
CA THR B 106 -19.20 0.63 -19.46
C THR B 106 -18.27 1.76 -19.02
N LEU B 107 -17.41 2.18 -19.93
CA LEU B 107 -16.36 3.13 -19.61
C LEU B 107 -16.91 4.54 -19.75
N ASP B 108 -16.65 5.36 -18.76
CA ASP B 108 -17.01 6.77 -18.88
C ASP B 108 -16.00 7.47 -19.76
N PRO B 109 -16.36 8.64 -20.31
CA PRO B 109 -15.48 9.34 -21.27
C PRO B 109 -14.01 9.39 -20.90
N PHE B 110 -13.70 9.80 -19.67
CA PHE B 110 -12.32 9.84 -19.25
C PHE B 110 -11.73 8.44 -19.16
N GLU B 111 -12.53 7.45 -18.75
CA GLU B 111 -12.07 6.07 -18.74
C GLU B 111 -11.71 5.61 -20.16
N LYS B 112 -12.53 6.01 -21.14
CA LYS B 112 -12.23 5.70 -22.53
C LYS B 112 -10.95 6.37 -22.98
N THR B 113 -10.75 7.64 -22.59
CA THR B 113 -9.50 8.33 -22.91
C THR B 113 -8.30 7.58 -22.33
N MET B 114 -8.40 7.17 -21.07
CA MET B 114 -7.30 6.43 -20.44
C MET B 114 -7.02 5.12 -21.15
N VAL B 115 -8.07 4.38 -21.51
CA VAL B 115 -7.88 3.10 -22.20
C VAL B 115 -7.28 3.32 -23.59
N LYS B 116 -7.76 4.33 -24.32
CA LYS B 116 -7.15 4.67 -25.61
C LYS B 116 -5.68 5.00 -25.44
N SER B 117 -5.32 5.69 -24.37
CA SER B 117 -3.91 6.03 -24.15
C SER B 117 -3.09 4.81 -23.79
N ILE B 118 -3.68 3.87 -23.06
CA ILE B 118 -3.00 2.59 -22.79
C ILE B 118 -2.77 1.83 -24.09
N LEU B 119 -3.77 1.83 -24.97
CA LEU B 119 -3.63 1.19 -26.28
C LEU B 119 -2.63 1.93 -27.17
N HIS B 120 -2.39 3.22 -26.92
CA HIS B 120 -1.41 3.96 -27.71
C HIS B 120 0.00 3.41 -27.53
N THR B 121 0.34 2.93 -26.33
CA THR B 121 1.66 2.34 -26.13
C THR B 121 1.78 0.99 -26.82
N MET B 122 0.67 0.26 -26.93
CA MET B 122 0.66 -1.03 -27.61
C MET B 122 0.51 -0.89 -29.11
N ASP B 123 -0.05 0.22 -29.58
CA ASP B 123 -0.22 0.47 -31.01
C ASP B 123 -0.22 1.98 -31.23
N SER B 124 0.73 2.47 -32.03
CA SER B 124 0.81 3.90 -32.30
C SER B 124 -0.42 4.43 -33.05
N SER B 125 -1.08 3.59 -33.84
CA SER B 125 -2.22 4.06 -34.62
C SER B 125 -3.40 4.48 -33.75
N ILE B 126 -3.56 3.87 -32.58
CA ILE B 126 -4.66 4.22 -31.68
C ILE B 126 -4.30 5.47 -30.90
N ILE B 127 -4.89 6.59 -31.29
CA ILE B 127 -4.60 7.90 -30.68
C ILE B 127 -5.89 8.52 -30.20
N PRO B 128 -5.95 9.00 -28.96
CA PRO B 128 -7.16 9.70 -28.50
C PRO B 128 -7.30 11.06 -29.18
N SER B 129 -8.53 11.35 -29.60
CA SER B 129 -8.83 12.57 -30.35
C SER B 129 -8.35 13.80 -29.60
N ASP B 130 -7.98 14.83 -30.38
CA ASP B 130 -7.60 16.12 -29.82
C ASP B 130 -8.64 16.66 -28.85
N ASP B 131 -9.92 16.36 -29.09
CA ASP B 131 -10.97 16.88 -28.23
C ASP B 131 -11.00 16.15 -26.89
N GLU B 132 -11.04 14.82 -26.91
CA GLU B 132 -11.18 14.06 -25.67
C GLU B 132 -9.98 14.20 -24.74
N LEU B 133 -8.79 14.39 -25.29
CA LEU B 133 -7.63 14.60 -24.43
C LEU B 133 -7.72 15.94 -23.72
N LEU B 134 -8.17 16.97 -24.43
CA LEU B 134 -8.42 18.25 -23.80
C LEU B 134 -9.59 18.17 -22.82
N GLN B 135 -10.53 17.26 -23.06
CA GLN B 135 -11.65 17.11 -22.12
C GLN B 135 -11.18 16.53 -20.79
N LEU B 136 -10.33 15.50 -20.86
CA LEU B 136 -9.76 14.94 -19.65
C LEU B 136 -8.83 15.93 -18.96
N ALA B 137 -8.06 16.69 -19.73
CA ALA B 137 -7.23 17.75 -19.14
C ALA B 137 -8.08 18.80 -18.45
N ASP B 138 -9.17 19.23 -19.08
CA ASP B 138 -10.08 20.18 -18.46
C ASP B 138 -10.61 19.65 -17.14
N TYR B 139 -11.03 18.38 -17.12
CA TYR B 139 -11.47 17.76 -15.88
C TYR B 139 -10.40 17.86 -14.81
N LEU B 140 -9.20 17.34 -15.10
CA LEU B 140 -8.13 17.30 -14.10
C LEU B 140 -7.76 18.69 -13.61
N PHE B 141 -7.80 19.70 -14.49
CA PHE B 141 -7.46 21.05 -14.06
C PHE B 141 -8.43 21.65 -13.05
N LYS B 142 -9.68 21.19 -13.00
CA LYS B 142 -10.62 21.66 -11.99
C LYS B 142 -10.93 20.56 -10.99
N VAL B 143 -9.91 19.94 -10.44
CA VAL B 143 -10.06 18.93 -9.40
C VAL B 143 -9.69 19.56 -8.07
N GLU B 144 -10.36 19.14 -7.00
CA GLU B 144 -10.02 19.62 -5.67
C GLU B 144 -8.96 18.72 -5.05
N LYS B 145 -9.37 17.56 -4.55
CA LYS B 145 -8.45 16.58 -3.98
C LYS B 145 -8.32 15.39 -4.93
N TRP B 146 -7.08 14.97 -5.17
CA TRP B 146 -6.80 13.90 -6.12
C TRP B 146 -6.93 12.55 -5.45
N GLY B 147 -7.90 11.75 -5.91
CA GLY B 147 -8.05 10.38 -5.48
C GLY B 147 -7.48 9.41 -6.51
N TYR B 148 -7.56 8.12 -6.16
CA TYR B 148 -7.11 7.05 -7.04
C TYR B 148 -7.58 7.24 -8.48
N TYR B 149 -8.86 7.58 -8.65
CA TYR B 149 -9.43 7.82 -9.97
C TYR B 149 -8.60 8.82 -10.78
N GLU B 150 -8.49 10.05 -10.25
CA GLU B 150 -7.79 11.12 -10.97
C GLU B 150 -6.31 10.80 -11.15
N ILE B 151 -5.69 10.23 -10.13
CA ILE B 151 -4.28 9.85 -10.22
C ILE B 151 -4.06 8.88 -11.37
N ILE B 152 -4.82 7.78 -11.41
CA ILE B 152 -4.65 6.79 -12.47
C ILE B 152 -4.96 7.41 -13.82
N LEU B 153 -5.98 8.26 -13.91
CA LEU B 153 -6.29 8.90 -15.19
C LEU B 153 -5.09 9.69 -15.72
N LEU B 154 -4.47 10.50 -14.86
CA LEU B 154 -3.30 11.27 -15.29
C LEU B 154 -2.11 10.36 -15.60
N GLY B 155 -1.78 9.47 -14.67
CA GLY B 155 -0.64 8.55 -14.84
C GLY B 155 -0.63 7.80 -16.16
N ASN B 156 -1.80 7.40 -16.64
CA ASN B 156 -1.89 6.64 -17.88
C ASN B 156 -1.99 7.54 -19.11
N CYS B 157 -2.10 8.86 -18.93
CA CYS B 157 -2.11 9.81 -20.04
C CYS B 157 -0.96 10.81 -19.99
N VAL B 158 0.14 10.51 -19.29
CA VAL B 158 1.23 11.48 -19.16
C VAL B 158 1.85 11.84 -20.51
N ARG B 159 1.81 10.93 -21.46
CA ARG B 159 2.45 11.14 -22.75
C ARG B 159 1.48 11.46 -23.88
N THR B 160 0.20 11.66 -23.57
CA THR B 160 -0.79 11.99 -24.59
C THR B 160 -1.24 13.44 -24.55
N ILE B 161 -1.43 14.01 -23.36
CA ILE B 161 -1.83 15.40 -23.22
C ILE B 161 -0.62 16.31 -23.29
N ASP B 162 -0.87 17.57 -23.62
CA ASP B 162 0.16 18.61 -23.72
C ASP B 162 1.16 18.51 -22.56
N TYR B 163 2.45 18.60 -22.91
CA TYR B 163 3.50 18.50 -21.89
C TYR B 163 3.28 19.45 -20.73
N ASN B 164 3.26 20.76 -21.02
CA ASN B 164 3.09 21.75 -19.96
C ASN B 164 1.84 21.47 -19.14
N SER B 165 0.74 21.14 -19.81
CA SER B 165 -0.48 20.74 -19.10
C SER B 165 -0.21 19.56 -18.17
N VAL B 166 0.52 18.55 -18.66
CA VAL B 166 0.81 17.38 -17.86
C VAL B 166 1.63 17.75 -16.62
N PHE B 167 2.69 18.55 -16.82
CA PHE B 167 3.51 18.99 -15.70
C PHE B 167 2.70 19.79 -14.68
N LEU B 168 1.88 20.73 -15.15
CA LEU B 168 1.01 21.50 -14.26
C LEU B 168 0.12 20.58 -13.45
N LEU B 169 -0.51 19.61 -14.11
CA LEU B 169 -1.37 18.67 -13.40
C LEU B 169 -0.58 17.84 -12.39
N THR B 170 0.66 17.49 -12.72
CA THR B 170 1.52 16.76 -11.79
C THR B 170 1.81 17.60 -10.55
N LYS B 171 2.23 18.86 -10.76
CA LYS B 171 2.48 19.79 -9.67
C LYS B 171 1.24 19.93 -8.78
N GLU B 172 0.08 20.09 -9.39
CA GLU B 172 -1.16 20.20 -8.61
C GLU B 172 -1.47 18.90 -7.86
N MET B 173 -1.26 17.75 -8.50
CA MET B 173 -1.53 16.46 -7.87
C MET B 173 -0.67 16.26 -6.62
N LEU B 174 0.63 16.54 -6.73
CA LEU B 174 1.55 16.34 -5.60
C LEU B 174 1.07 17.05 -4.34
N ASN B 175 0.38 18.17 -4.48
CA ASN B 175 -0.05 18.98 -3.34
C ASN B 175 -1.56 18.90 -3.11
N ASN B 176 -2.21 17.82 -3.58
CA ASN B 176 -3.65 17.70 -3.38
C ASN B 176 -4.15 16.27 -3.24
N TYR B 177 -3.28 15.26 -3.30
CA TYR B 177 -3.75 13.88 -3.25
C TYR B 177 -4.01 13.40 -1.82
N ILE B 178 -4.86 12.39 -1.71
CA ILE B 178 -5.27 11.80 -0.44
C ILE B 178 -4.25 10.75 -0.02
N TYR B 179 -3.74 10.87 1.21
CA TYR B 179 -2.68 9.98 1.67
C TYR B 179 -2.81 9.68 3.15
N SER B 180 -2.52 8.43 3.54
CA SER B 180 -2.58 8.04 4.95
C SER B 180 -1.42 7.15 5.36
N SER B 181 -1.71 6.03 6.03
CA SER B 181 -0.67 5.12 6.49
C SER B 181 -1.11 3.66 6.33
N LEU B 182 -2.39 3.38 6.57
CA LEU B 182 -2.92 2.04 6.34
C LEU B 182 -3.02 1.74 4.85
N ASN B 183 -2.64 2.72 4.03
CA ASN B 183 -2.66 2.60 2.57
C ASN B 183 -1.65 3.62 2.04
N LYS B 184 -0.42 3.16 1.80
CA LYS B 184 0.60 3.99 1.18
C LYS B 184 0.60 3.80 -0.33
N THR B 185 -0.43 3.13 -0.86
CA THR B 185 -0.54 2.82 -2.28
C THR B 185 -0.57 4.07 -3.16
N ASN B 186 -1.49 4.98 -2.86
CA ASN B 186 -1.60 6.21 -3.64
C ASN B 186 -0.30 7.00 -3.64
N LYS B 187 0.40 7.02 -2.50
CA LYS B 187 1.68 7.72 -2.46
C LYS B 187 2.69 7.07 -3.40
N ARG B 188 2.74 5.74 -3.41
CA ARG B 188 3.66 5.03 -4.31
C ARG B 188 3.34 5.33 -5.77
N ILE B 189 2.05 5.30 -6.11
CA ILE B 189 1.64 5.60 -7.48
C ILE B 189 2.01 7.03 -7.84
N VAL B 190 1.79 7.97 -6.92
CA VAL B 190 2.14 9.37 -7.16
C VAL B 190 3.64 9.52 -7.36
N THR B 191 4.44 8.82 -6.57
CA THR B 191 5.89 8.89 -6.74
C THR B 191 6.30 8.37 -8.11
N GLN B 192 5.71 7.24 -8.54
CA GLN B 192 6.01 6.70 -9.86
C GLN B 192 5.63 7.69 -10.96
N LEU B 193 4.46 8.33 -10.82
CA LEU B 193 4.01 9.32 -11.80
C LEU B 193 4.98 10.49 -11.86
N ALA B 194 5.38 11.01 -10.70
CA ALA B 194 6.33 12.10 -10.65
C ALA B 194 7.65 11.73 -11.34
N ILE B 195 8.13 10.50 -11.13
CA ILE B 195 9.40 10.10 -11.75
C ILE B 195 9.25 9.99 -13.27
N ASN B 196 8.08 9.52 -13.73
CA ASN B 196 7.87 9.46 -15.18
C ASN B 196 7.75 10.85 -15.77
N CYS B 197 7.11 11.77 -15.04
CA CYS B 197 7.08 13.17 -15.45
C CYS B 197 8.47 13.78 -15.49
N LEU B 198 9.36 13.33 -14.59
CA LEU B 198 10.74 13.77 -14.60
C LEU B 198 11.46 13.30 -15.87
N ILE B 199 11.27 12.02 -16.22
CA ILE B 199 11.84 11.51 -17.47
C ILE B 199 11.34 12.31 -18.65
N LEU B 200 10.03 12.54 -18.72
CA LEU B 200 9.48 13.32 -19.83
C LEU B 200 9.96 14.77 -19.80
N SER B 201 10.27 15.30 -18.61
CA SER B 201 10.80 16.65 -18.51
C SER B 201 12.21 16.74 -19.06
N ILE B 202 13.02 15.71 -18.82
CA ILE B 202 14.35 15.68 -19.43
C ILE B 202 14.23 15.45 -20.94
N ASP B 203 13.21 14.71 -21.37
CA ASP B 203 12.95 14.54 -22.79
C ASP B 203 12.69 15.89 -23.47
N MET B 204 11.84 16.71 -22.86
CA MET B 204 11.53 18.00 -23.44
C MET B 204 12.61 19.03 -23.15
N GLU B 205 13.50 18.74 -22.21
CA GLU B 205 14.59 19.64 -21.79
C GLU B 205 14.09 20.89 -21.03
N GLU B 206 13.12 20.72 -20.13
CA GLU B 206 12.72 21.78 -19.19
C GLU B 206 13.34 21.46 -17.84
N PHE B 207 14.61 21.86 -17.69
CA PHE B 207 15.41 21.47 -16.55
C PHE B 207 14.98 22.12 -15.25
N THR B 208 14.27 23.25 -15.30
CA THR B 208 13.73 23.82 -14.07
C THR B 208 12.61 22.95 -13.52
N ASN B 209 11.74 22.46 -14.41
CA ASN B 209 10.74 21.49 -14.03
C ASN B 209 11.40 20.25 -13.46
N CYS B 210 12.53 19.85 -14.06
CA CYS B 210 13.30 18.72 -13.55
C CYS B 210 13.75 18.98 -12.11
N PHE B 211 14.37 20.12 -11.86
CA PHE B 211 14.82 20.52 -10.53
C PHE B 211 13.69 20.43 -9.51
N TYR B 212 12.53 21.02 -9.87
CA TYR B 212 11.36 20.98 -9.00
C TYR B 212 10.95 19.54 -8.69
N LEU B 213 10.79 18.72 -9.72
CA LEU B 213 10.37 17.34 -9.52
C LEU B 213 11.41 16.54 -8.73
N ILE B 214 12.69 16.83 -8.92
CA ILE B 214 13.72 16.12 -8.16
C ILE B 214 13.54 16.37 -6.66
N ASP B 215 13.35 17.63 -6.28
CA ASP B 215 13.11 17.93 -4.87
C ASP B 215 11.82 17.27 -4.36
N GLU B 216 10.75 17.35 -5.15
CA GLU B 216 9.47 16.78 -4.74
C GLU B 216 9.56 15.27 -4.54
N ILE B 217 10.13 14.57 -5.53
CA ILE B 217 10.31 13.12 -5.44
C ILE B 217 11.18 12.77 -4.25
N LYS B 218 12.30 13.49 -4.07
CA LYS B 218 13.09 13.36 -2.86
C LYS B 218 12.22 13.35 -1.62
N ALA B 219 11.33 14.32 -1.50
CA ALA B 219 10.45 14.39 -0.34
C ALA B 219 9.57 13.15 -0.24
N LEU B 220 8.95 12.75 -1.35
CA LEU B 220 8.09 11.56 -1.33
C LEU B 220 8.85 10.32 -0.88
N LEU B 221 10.09 10.15 -1.36
CA LEU B 221 10.87 8.94 -1.13
C LEU B 221 11.40 8.81 0.29
N ASP B 222 11.58 9.94 1.00
CA ASP B 222 12.25 9.95 2.28
C ASP B 222 11.69 8.90 3.24
N ASN B 223 12.58 8.02 3.72
CA ASN B 223 12.23 6.91 4.60
C ASN B 223 10.97 6.19 4.15
N GLU B 224 10.86 6.00 2.84
CA GLU B 224 9.85 5.15 2.22
C GLU B 224 10.63 4.12 1.41
N LEU B 225 10.52 2.85 1.82
CA LEU B 225 11.43 1.80 1.37
C LEU B 225 11.16 1.37 -0.07
N ASN B 226 10.80 2.32 -0.91
CA ASN B 226 10.42 2.04 -2.31
C ASN B 226 11.68 2.02 -3.18
N PHE B 227 12.52 1.01 -2.94
CA PHE B 227 13.80 0.91 -3.66
C PHE B 227 13.64 0.90 -5.18
N TYR B 228 12.49 0.42 -5.69
CA TYR B 228 12.25 0.48 -7.13
C TYR B 228 12.11 1.93 -7.59
N GLU B 229 11.28 2.69 -6.90
CA GLU B 229 11.15 4.12 -7.19
C GLU B 229 12.48 4.83 -7.02
N GLN B 230 13.23 4.48 -5.97
CA GLN B 230 14.55 5.09 -5.76
C GLN B 230 15.51 4.76 -6.90
N THR B 231 15.41 3.54 -7.44
CA THR B 231 16.29 3.14 -8.54
C THR B 231 15.95 3.90 -9.81
N VAL B 232 14.66 3.95 -10.15
CA VAL B 232 14.26 4.68 -11.35
C VAL B 232 14.51 6.17 -11.19
N PHE B 233 14.46 6.68 -9.95
CA PHE B 233 14.78 8.08 -9.69
C PHE B 233 16.28 8.35 -9.79
N LEU B 234 17.11 7.39 -9.39
CA LEU B 234 18.55 7.52 -9.56
C LEU B 234 18.90 7.55 -11.05
N TYR B 235 18.30 6.66 -11.84
CA TYR B 235 18.48 6.73 -13.29
C TYR B 235 17.92 8.02 -13.87
N ALA B 236 16.82 8.53 -13.29
CA ALA B 236 16.24 9.79 -13.75
C ALA B 236 17.20 10.95 -13.52
N THR B 237 17.77 11.03 -12.32
CA THR B 237 18.75 12.08 -12.06
C THR B 237 19.99 11.92 -12.93
N GLY B 238 20.35 10.68 -13.27
CA GLY B 238 21.45 10.47 -14.20
C GLY B 238 21.15 11.00 -15.59
N TYR B 239 19.95 10.69 -16.10
CA TYR B 239 19.49 11.25 -17.38
C TYR B 239 19.46 12.77 -17.32
N PHE B 240 18.99 13.31 -16.20
CA PHE B 240 18.95 14.75 -15.97
C PHE B 240 20.34 15.37 -16.10
N GLU B 241 21.30 14.87 -15.32
CA GLU B 241 22.65 15.42 -15.34
C GLU B 241 23.37 15.17 -16.67
N PHE B 242 23.00 14.10 -17.38
CA PHE B 242 23.64 13.82 -18.68
C PHE B 242 23.12 14.76 -19.76
N LYS B 243 21.80 14.89 -19.89
CA LYS B 243 21.25 15.83 -20.87
C LYS B 243 21.67 17.26 -20.57
N ARG B 244 21.62 17.66 -19.30
CA ARG B 244 21.96 19.01 -18.88
C ARG B 244 23.42 19.35 -19.11
N TRP B 245 24.32 18.67 -18.40
CA TRP B 245 25.73 19.03 -18.42
C TRP B 245 26.60 18.04 -19.17
N GLN B 246 26.06 16.87 -19.54
CA GLN B 246 26.88 15.73 -19.97
C GLN B 246 27.79 15.34 -18.83
N SER B 247 27.22 15.33 -17.62
CA SER B 247 27.99 15.14 -16.40
C SER B 247 28.57 13.74 -16.33
N THR B 248 29.82 13.66 -15.89
CA THR B 248 30.42 12.36 -15.61
C THR B 248 29.74 11.66 -14.44
N SER B 249 29.17 12.42 -13.50
CA SER B 249 28.43 11.82 -12.41
C SER B 249 27.09 11.25 -12.86
N GLY B 250 26.49 11.83 -13.90
CA GLY B 250 25.20 11.35 -14.36
C GLY B 250 25.28 9.99 -15.03
N ILE B 251 26.29 9.78 -15.88
CA ILE B 251 26.47 8.47 -16.49
C ILE B 251 26.79 7.43 -15.43
N GLU B 252 27.51 7.83 -14.37
CA GLU B 252 27.73 6.93 -13.25
C GLU B 252 26.41 6.56 -12.57
N LYS B 253 25.54 7.55 -12.34
CA LYS B 253 24.23 7.26 -11.74
C LYS B 253 23.44 6.29 -12.61
N MET B 254 23.40 6.52 -13.92
CA MET B 254 22.65 5.64 -14.80
C MET B 254 23.22 4.21 -14.77
N LYS B 255 24.54 4.10 -14.74
CA LYS B 255 25.18 2.79 -14.61
C LYS B 255 24.81 2.13 -13.29
N GLN B 256 24.80 2.91 -12.21
CA GLN B 256 24.44 2.38 -10.90
C GLN B 256 23.01 1.84 -10.90
N ALA B 257 22.10 2.53 -11.59
CA ALA B 257 20.71 2.08 -11.62
C ALA B 257 20.57 0.78 -12.42
N ILE B 258 21.21 0.72 -13.59
CA ILE B 258 21.21 -0.54 -14.34
C ILE B 258 21.87 -1.64 -13.52
N GLN B 259 22.87 -1.28 -12.71
CA GLN B 259 23.52 -2.25 -11.84
C GLN B 259 22.55 -2.80 -10.81
N VAL B 260 21.70 -1.94 -10.25
CA VAL B 260 20.67 -2.42 -9.32
C VAL B 260 19.71 -3.37 -10.03
N LEU B 261 19.22 -2.97 -11.20
CA LEU B 261 18.29 -3.84 -11.94
C LEU B 261 18.91 -5.18 -12.32
N ASP B 262 20.25 -5.25 -12.42
CA ASP B 262 20.87 -6.56 -12.64
C ASP B 262 21.08 -7.32 -11.35
N ILE B 263 21.69 -6.66 -10.36
CA ILE B 263 21.99 -7.24 -9.06
C ILE B 263 20.77 -7.90 -8.44
N LEU B 264 19.57 -7.34 -8.64
CA LEU B 264 18.40 -8.00 -8.09
C LEU B 264 17.90 -9.09 -9.03
N GLY B 265 17.91 -8.83 -10.34
CA GLY B 265 17.54 -9.82 -11.31
C GLY B 265 16.19 -9.55 -11.95
N GLU B 266 15.87 -8.29 -12.18
CA GLU B 266 14.60 -7.88 -12.80
C GLU B 266 14.73 -7.79 -14.31
N ASP B 267 15.51 -8.71 -14.90
CA ASP B 267 15.84 -8.83 -16.32
C ASP B 267 15.22 -7.81 -17.26
N ASN B 268 13.89 -7.79 -17.38
CA ASN B 268 13.26 -6.93 -18.38
C ASN B 268 13.42 -5.45 -18.05
N LEU B 269 13.33 -5.08 -16.78
CA LEU B 269 13.60 -3.69 -16.39
C LEU B 269 15.02 -3.32 -16.77
N LYS B 270 15.97 -4.21 -16.46
CA LYS B 270 17.36 -4.05 -16.88
C LYS B 270 17.45 -3.87 -18.39
N LEU B 271 16.61 -4.57 -19.15
CA LEU B 271 16.66 -4.49 -20.61
C LEU B 271 16.17 -3.14 -21.09
N HIS B 272 15.05 -2.67 -20.56
CA HIS B 272 14.49 -1.38 -20.96
C HIS B 272 15.44 -0.24 -20.64
N TYR B 273 15.99 -0.23 -19.42
CA TYR B 273 16.90 0.82 -19.02
C TYR B 273 18.31 0.63 -19.59
N THR B 274 18.62 -0.55 -20.14
CA THR B 274 19.84 -0.74 -20.90
C THR B 274 19.68 -0.22 -22.32
N ILE B 275 18.55 -0.50 -22.96
CA ILE B 275 18.32 0.00 -24.31
C ILE B 275 18.30 1.53 -24.31
N HIS B 276 17.73 2.12 -23.25
CA HIS B 276 17.73 3.58 -23.15
C HIS B 276 19.15 4.14 -23.05
N PHE B 277 19.93 3.65 -22.09
CA PHE B 277 21.32 4.08 -21.93
C PHE B 277 22.14 3.82 -23.20
N ASP B 278 21.87 2.71 -23.89
CA ASP B 278 22.61 2.42 -25.12
C ASP B 278 22.33 3.45 -26.20
N LYS B 279 21.05 3.78 -26.41
CA LYS B 279 20.72 4.81 -27.39
C LYS B 279 21.30 6.17 -27.00
N LEU B 280 21.31 6.49 -25.70
CA LEU B 280 21.87 7.78 -25.28
C LEU B 280 23.38 7.84 -25.51
N ILE B 281 24.10 6.75 -25.23
CA ILE B 281 25.54 6.77 -25.40
C ILE B 281 25.93 6.56 -26.86
N ASN B 282 25.05 5.94 -27.66
CA ASN B 282 25.30 5.84 -29.09
C ASN B 282 25.21 7.21 -29.76
N ASN B 283 24.16 7.96 -29.43
CA ASN B 283 23.96 9.28 -30.00
C ASN B 283 24.48 10.36 -29.04
#